data_8RM7
#
_entry.id   8RM7
#
_cell.length_a   137.910
_cell.length_b   29.780
_cell.length_c   112.609
_cell.angle_alpha   90.00
_cell.angle_beta   124.91
_cell.angle_gamma   90.00
#
_symmetry.space_group_name_H-M   'C 1 2 1'
#
loop_
_entity.id
_entity.type
_entity.pdbx_description
1 polymer 'Isoform 2 of Androgen receptor'
2 polymer 'MMTV-177 GRE/ARE Chain C'
3 polymer 'MMTV-177 GRE/ARE, Chain D'
4 non-polymer 'ZINC ION'
5 water water
#
loop_
_entity_poly.entity_id
_entity_poly.type
_entity_poly.pdbx_seq_one_letter_code
_entity_poly.pdbx_strand_id
1 'polypeptide(L)' QKTCLICGDEASGAHYGALTCGSCKVFFKRAAEGKQKYLCASRNDCTIDKFRRKNCPSCRLRKCYEAGMTLGA B,A
2 'polydeoxyribonucleotide' (DT)(DT)(DA)(DG)(DA)(DA)(DC)(DA)(DG)(DT)(DT)(DT)(DG)(DT)(DA)(DA)(DC)(DA) C
3 'polydeoxyribonucleotide' (DT)(DT)(DG)(DT)(DT)(DA)(DC)(DA)(DA)(DA)(DC)(DT)(DG)(DT)(DT)(DC)(DT)(DA) D
#
# COMPACT_ATOMS: atom_id res chain seq x y z
N GLN A 1 -7.64 24.91 11.65
CA GLN A 1 -7.07 24.04 10.63
C GLN A 1 -8.06 22.96 10.21
N LYS A 2 -8.54 23.05 8.97
CA LYS A 2 -9.49 22.08 8.44
C LYS A 2 -8.72 20.85 7.95
N THR A 3 -9.12 19.68 8.42
CA THR A 3 -8.30 18.48 8.33
C THR A 3 -9.12 17.26 7.96
N CYS A 4 -8.63 16.50 6.98
CA CYS A 4 -9.20 15.20 6.65
C CYS A 4 -9.13 14.29 7.86
N LEU A 5 -10.30 13.81 8.30
CA LEU A 5 -10.36 12.89 9.43
C LEU A 5 -9.75 11.53 9.12
N ILE A 6 -9.43 11.25 7.86
CA ILE A 6 -8.93 9.94 7.46
C ILE A 6 -7.41 9.93 7.35
N CYS A 7 -6.80 10.90 6.65
CA CYS A 7 -5.37 10.85 6.42
C CYS A 7 -4.58 12.03 6.99
N GLY A 8 -5.23 13.12 7.39
CA GLY A 8 -4.53 14.21 8.04
C GLY A 8 -4.08 15.33 7.14
N ASP A 9 -4.30 15.20 5.84
CA ASP A 9 -4.05 16.29 4.91
C ASP A 9 -5.00 17.44 5.27
N GLU A 10 -4.89 18.56 4.58
CA GLU A 10 -5.95 19.56 4.71
C GLU A 10 -7.27 18.96 4.20
N ALA A 11 -8.35 19.10 4.98
CA ALA A 11 -9.64 18.81 4.37
C ALA A 11 -9.96 19.88 3.33
N SER A 12 -10.81 19.52 2.37
CA SER A 12 -11.38 20.48 1.43
C SER A 12 -12.85 20.75 1.70
N GLY A 13 -13.45 20.05 2.65
CA GLY A 13 -14.83 20.27 3.02
C GLY A 13 -15.43 19.03 3.64
N ALA A 14 -16.75 19.09 3.84
CA ALA A 14 -17.51 17.98 4.38
C ALA A 14 -18.01 17.14 3.21
N HIS A 15 -17.40 15.98 3.01
CA HIS A 15 -17.71 15.13 1.86
C HIS A 15 -18.21 13.78 2.32
N TYR A 16 -19.37 13.37 1.79
CA TYR A 16 -20.02 12.13 2.17
C TYR A 16 -20.20 12.03 3.68
N GLY A 17 -20.53 13.16 4.30
CA GLY A 17 -20.82 13.22 5.71
C GLY A 17 -19.64 13.33 6.63
N ALA A 18 -18.45 13.67 6.11
CA ALA A 18 -17.27 13.76 6.96
C ALA A 18 -16.29 14.79 6.39
N LEU A 19 -15.48 15.35 7.29
CA LEU A 19 -14.46 16.33 6.91
C LEU A 19 -13.26 15.59 6.32
N THR A 20 -13.09 15.70 5.01
CA THR A 20 -12.07 14.95 4.29
C THR A 20 -11.33 15.86 3.31
N CYS A 21 -10.16 15.39 2.88
CA CYS A 21 -9.50 16.00 1.74
C CYS A 21 -10.15 15.52 0.46
N GLY A 22 -9.76 16.14 -0.66
CA GLY A 22 -10.28 15.72 -1.95
C GLY A 22 -9.83 14.33 -2.35
N SER A 23 -8.63 13.94 -1.93
CA SER A 23 -8.14 12.61 -2.24
C SER A 23 -8.98 11.52 -1.59
N CYS A 24 -9.41 11.76 -0.34
CA CYS A 24 -10.11 10.72 0.40
C CYS A 24 -11.59 10.64 0.06
N LYS A 25 -12.16 11.75 -0.40
CA LYS A 25 -13.60 11.74 -0.80
C LYS A 25 -13.75 10.95 -2.11
N VAL A 26 -12.77 11.02 -3.00
CA VAL A 26 -12.85 10.32 -4.28
C VAL A 26 -12.42 8.87 -4.13
N PHE A 27 -11.48 8.61 -3.22
CA PHE A 27 -11.18 7.22 -2.85
C PHE A 27 -12.43 6.53 -2.34
N PHE A 28 -13.15 7.19 -1.43
CA PHE A 28 -14.33 6.58 -0.81
C PHE A 28 -15.37 6.22 -1.85
N LYS A 29 -15.67 7.16 -2.75
CA LYS A 29 -16.65 6.85 -3.79
C LYS A 29 -16.17 5.68 -4.64
N ARG A 30 -14.90 5.69 -5.04
CA ARG A 30 -14.36 4.59 -5.83
C ARG A 30 -14.42 3.27 -5.08
N ALA A 31 -14.03 3.27 -3.81
CA ALA A 31 -13.93 2.03 -3.05
C ALA A 31 -15.30 1.50 -2.65
N ALA A 32 -16.14 2.34 -2.03
CA ALA A 32 -17.44 1.88 -1.57
C ALA A 32 -18.32 1.41 -2.72
N GLU A 33 -18.10 1.93 -3.93
CA GLU A 33 -18.86 1.52 -5.09
C GLU A 33 -18.22 0.37 -5.85
N GLY A 34 -16.90 0.29 -5.85
CA GLY A 34 -16.18 -0.67 -6.69
C GLY A 34 -16.44 -2.12 -6.31
N LYS A 35 -16.01 -3.00 -7.22
CA LYS A 35 -16.13 -4.45 -7.09
C LYS A 35 -14.75 -5.08 -6.90
N GLN A 36 -13.91 -4.35 -6.14
CA GLN A 36 -12.49 -4.58 -5.81
C GLN A 36 -12.30 -4.77 -4.32
N LYS A 37 -12.39 -6.02 -3.87
CA LYS A 37 -12.34 -6.36 -2.45
C LYS A 37 -10.93 -6.16 -1.90
N TYR A 38 -10.80 -5.22 -0.96
CA TYR A 38 -9.50 -4.84 -0.42
C TYR A 38 -9.19 -5.71 0.80
N LEU A 39 -8.10 -6.46 0.71
CA LEU A 39 -7.60 -7.27 1.82
C LEU A 39 -6.33 -6.64 2.37
N CYS A 40 -6.30 -6.43 3.68
CA CYS A 40 -5.11 -5.89 4.34
C CYS A 40 -4.00 -6.94 4.36
N ALA A 41 -2.76 -6.47 4.19
CA ALA A 41 -1.58 -7.34 4.27
C ALA A 41 -1.08 -7.51 5.69
N SER A 42 -1.79 -6.97 6.67
CA SER A 42 -1.33 -7.05 8.04
C SER A 42 -2.50 -7.42 8.96
N ARG A 43 -3.07 -6.40 9.60
CA ARG A 43 -3.90 -6.58 10.78
C ARG A 43 -5.18 -5.76 10.76
N ASN A 44 -5.52 -5.19 9.60
CA ASN A 44 -6.68 -4.30 9.50
C ASN A 44 -6.57 -3.15 10.51
N ASP A 45 -5.33 -2.64 10.68
CA ASP A 45 -5.12 -1.50 11.56
C ASP A 45 -3.92 -0.65 11.11
N CYS A 46 -3.66 -0.61 9.80
CA CYS A 46 -2.57 0.21 9.28
C CYS A 46 -2.79 1.68 9.63
N THR A 47 -1.69 2.42 9.75
CA THR A 47 -1.77 3.86 9.95
C THR A 47 -2.02 4.56 8.63
N ILE A 48 -3.05 5.41 8.60
CA ILE A 48 -3.42 6.17 7.41
C ILE A 48 -2.97 7.61 7.65
N ASP A 49 -1.84 7.99 7.07
CA ASP A 49 -1.41 9.37 7.04
C ASP A 49 -1.28 9.83 5.59
N LYS A 50 -1.00 11.12 5.42
CA LYS A 50 -1.04 11.71 4.09
C LYS A 50 0.14 11.30 3.22
N PHE A 51 1.13 10.59 3.78
CA PHE A 51 2.24 10.07 2.98
C PHE A 51 2.07 8.60 2.60
N ARG A 52 1.18 7.88 3.27
CA ARG A 52 1.04 6.44 3.09
C ARG A 52 -0.41 6.01 2.88
N ARG A 53 -1.32 6.95 2.65
CA ARG A 53 -2.74 6.61 2.50
C ARG A 53 -2.99 5.65 1.35
N LYS A 54 -2.11 5.62 0.35
CA LYS A 54 -2.27 4.70 -0.77
C LYS A 54 -1.85 3.28 -0.44
N ASN A 55 -1.19 3.07 0.70
CA ASN A 55 -0.58 1.77 0.98
C ASN A 55 -1.64 0.70 1.21
N CYS A 56 -2.62 0.97 2.07
CA CYS A 56 -3.64 -0.02 2.40
C CYS A 56 -5.04 0.49 2.06
N PRO A 57 -5.58 0.13 0.90
CA PRO A 57 -6.97 0.53 0.60
C PRO A 57 -7.98 -0.02 1.58
N SER A 58 -7.76 -1.21 2.13
CA SER A 58 -8.71 -1.78 3.08
C SER A 58 -8.80 -0.95 4.35
N CYS A 59 -7.65 -0.59 4.93
CA CYS A 59 -7.66 0.19 6.16
C CYS A 59 -8.13 1.62 5.92
N ARG A 60 -7.85 2.18 4.73
CA ARG A 60 -8.32 3.51 4.41
C ARG A 60 -9.85 3.56 4.33
N LEU A 61 -10.44 2.59 3.61
CA LEU A 61 -11.89 2.51 3.54
C LEU A 61 -12.50 2.29 4.91
N ARG A 62 -11.88 1.46 5.74
N ARG A 62 -11.87 1.45 5.73
CA ARG A 62 -12.38 1.23 7.09
CA ARG A 62 -12.37 1.21 7.09
C ARG A 62 -12.40 2.51 7.89
C ARG A 62 -12.39 2.50 7.91
N LYS A 63 -11.32 3.29 7.81
CA LYS A 63 -11.28 4.56 8.54
C LYS A 63 -12.31 5.55 7.99
N CYS A 64 -12.60 5.49 6.69
CA CYS A 64 -13.66 6.30 6.13
C CYS A 64 -15.00 5.97 6.78
N TYR A 65 -15.33 4.68 6.87
CA TYR A 65 -16.60 4.26 7.46
C TYR A 65 -16.67 4.62 8.94
N GLU A 66 -15.56 4.45 9.65
CA GLU A 66 -15.54 4.79 11.08
C GLU A 66 -15.58 6.29 11.32
N ALA A 67 -15.22 7.09 10.31
CA ALA A 67 -15.37 8.54 10.40
C ALA A 67 -16.78 9.00 10.07
N GLY A 68 -17.70 8.07 9.79
CA GLY A 68 -19.07 8.42 9.48
C GLY A 68 -19.37 8.63 8.02
N MET A 69 -18.42 8.33 7.13
CA MET A 69 -18.65 8.53 5.70
C MET A 69 -19.75 7.59 5.22
N THR A 70 -20.46 8.04 4.18
CA THR A 70 -21.68 7.37 3.75
C THR A 70 -22.02 7.86 2.35
N LEU A 71 -22.66 6.98 1.56
CA LEU A 71 -23.10 7.34 0.22
C LEU A 71 -24.50 7.93 0.21
N GLY A 72 -24.95 8.49 1.33
CA GLY A 72 -26.15 9.31 1.39
C GLY A 72 -27.45 8.62 1.05
N ALA A 73 -27.85 7.66 1.89
CA ALA A 73 -29.10 6.92 1.70
C ALA A 73 -29.15 6.23 0.34
N GLN B 1 6.39 -24.19 -10.15
CA GLN B 1 7.75 -23.93 -10.57
C GLN B 1 7.95 -22.49 -11.02
N LYS B 2 9.22 -22.06 -11.02
CA LYS B 2 9.63 -20.67 -11.19
C LYS B 2 8.65 -19.69 -10.54
N THR B 3 8.76 -19.53 -9.23
CA THR B 3 7.96 -18.56 -8.49
C THR B 3 8.87 -17.53 -7.84
N CYS B 4 8.41 -16.28 -7.82
CA CYS B 4 9.18 -15.20 -7.21
C CYS B 4 9.35 -15.44 -5.72
N LEU B 5 10.57 -15.21 -5.23
CA LEU B 5 10.85 -15.39 -3.81
C LEU B 5 10.23 -14.28 -2.96
N ILE B 6 9.96 -13.12 -3.55
CA ILE B 6 9.44 -11.97 -2.81
C ILE B 6 7.92 -11.99 -2.77
N CYS B 7 7.26 -12.12 -3.91
CA CYS B 7 5.80 -12.02 -3.97
C CYS B 7 5.09 -13.30 -4.35
N GLY B 8 5.78 -14.27 -4.94
CA GLY B 8 5.15 -15.52 -5.31
C GLY B 8 4.56 -15.55 -6.71
N ASP B 9 4.71 -14.48 -7.48
CA ASP B 9 4.32 -14.50 -8.88
C ASP B 9 5.24 -15.44 -9.66
N GLU B 10 4.89 -15.66 -10.93
CA GLU B 10 5.75 -16.45 -11.80
C GLU B 10 7.07 -15.70 -12.00
N ALA B 11 8.17 -16.32 -11.60
CA ALA B 11 9.48 -15.68 -11.68
C ALA B 11 9.96 -15.66 -13.13
N SER B 12 10.47 -14.51 -13.55
CA SER B 12 10.97 -14.34 -14.91
C SER B 12 12.46 -14.62 -15.05
N GLY B 13 13.13 -14.96 -13.96
CA GLY B 13 14.55 -15.25 -14.00
C GLY B 13 15.22 -14.81 -12.73
N ALA B 14 16.54 -14.99 -12.69
CA ALA B 14 17.36 -14.58 -11.57
C ALA B 14 17.77 -13.13 -11.77
N HIS B 15 17.15 -12.23 -11.03
CA HIS B 15 17.36 -10.79 -11.18
C HIS B 15 17.97 -10.22 -9.91
N TYR B 16 19.12 -9.56 -10.06
CA TYR B 16 19.83 -8.91 -8.97
C TYR B 16 20.20 -9.89 -7.87
N GLY B 17 20.41 -11.16 -8.22
CA GLY B 17 20.87 -12.16 -7.29
C GLY B 17 19.82 -13.05 -6.67
N ALA B 18 18.58 -13.01 -7.16
CA ALA B 18 17.53 -13.84 -6.60
C ALA B 18 16.48 -14.13 -7.67
N LEU B 19 15.71 -15.19 -7.42
CA LEU B 19 14.65 -15.61 -8.34
C LEU B 19 13.42 -14.74 -8.11
N THR B 20 13.17 -13.80 -9.03
CA THR B 20 12.07 -12.86 -8.90
C THR B 20 11.27 -12.79 -10.20
N CYS B 21 10.09 -12.18 -10.10
CA CYS B 21 9.33 -11.81 -11.28
C CYS B 21 9.88 -10.50 -11.84
N GLY B 22 9.32 -10.07 -12.98
CA GLY B 22 9.73 -8.80 -13.55
C GLY B 22 9.28 -7.61 -12.73
N SER B 23 8.20 -7.77 -11.97
CA SER B 23 7.71 -6.69 -11.12
C SER B 23 8.67 -6.40 -9.99
N CYS B 24 9.17 -7.44 -9.33
CA CYS B 24 10.01 -7.25 -8.14
C CYS B 24 11.44 -6.89 -8.50
N LYS B 25 11.94 -7.41 -9.63
CA LYS B 25 13.16 -6.87 -10.22
C LYS B 25 13.13 -5.35 -10.24
N VAL B 26 12.19 -4.81 -11.01
CA VAL B 26 12.25 -3.38 -11.30
C VAL B 26 11.90 -2.58 -10.06
N PHE B 27 11.07 -3.13 -9.17
CA PHE B 27 10.83 -2.46 -7.89
C PHE B 27 12.12 -2.33 -7.10
N PHE B 28 12.95 -3.37 -7.09
CA PHE B 28 14.18 -3.34 -6.31
C PHE B 28 15.12 -2.28 -6.82
N LYS B 29 15.33 -2.21 -8.15
CA LYS B 29 16.24 -1.22 -8.68
C LYS B 29 15.75 0.20 -8.41
N ARG B 30 14.43 0.41 -8.52
CA ARG B 30 13.88 1.74 -8.25
C ARG B 30 13.99 2.08 -6.77
N ALA B 31 13.71 1.12 -5.88
CA ALA B 31 13.71 1.40 -4.45
C ALA B 31 15.13 1.47 -3.89
N ALA B 32 15.98 0.51 -4.24
CA ALA B 32 17.32 0.46 -3.66
C ALA B 32 18.17 1.65 -4.08
N GLU B 33 17.95 2.19 -5.27
CA GLU B 33 18.67 3.38 -5.72
C GLU B 33 17.90 4.67 -5.47
N GLY B 34 16.59 4.58 -5.21
CA GLY B 34 15.80 5.77 -5.00
C GLY B 34 16.15 6.49 -3.71
N LYS B 35 15.70 7.74 -3.62
CA LYS B 35 15.92 8.57 -2.46
C LYS B 35 14.67 8.68 -1.57
N GLN B 36 13.73 7.75 -1.75
CA GLN B 36 12.50 7.71 -0.95
C GLN B 36 12.69 6.70 0.18
N LYS B 37 12.59 7.18 1.42
CA LYS B 37 12.64 6.29 2.58
C LYS B 37 11.23 5.75 2.82
N TYR B 38 11.10 4.43 2.82
CA TYR B 38 9.80 3.77 2.94
C TYR B 38 9.59 3.34 4.39
N LEU B 39 8.50 3.79 4.99
CA LEU B 39 8.15 3.46 6.36
C LEU B 39 6.90 2.61 6.36
N CYS B 40 6.97 1.44 6.99
CA CYS B 40 5.80 0.58 7.09
C CYS B 40 4.75 1.23 7.98
N ALA B 41 3.50 1.21 7.51
CA ALA B 41 2.39 1.75 8.31
C ALA B 41 1.86 0.74 9.33
N SER B 42 2.47 -0.43 9.42
CA SER B 42 2.03 -1.44 10.38
C SER B 42 3.19 -1.86 11.29
N ARG B 43 3.58 -3.13 11.23
CA ARG B 43 4.58 -3.68 12.14
C ARG B 43 5.73 -4.34 11.38
N ASN B 44 6.04 -3.84 10.18
CA ASN B 44 7.16 -4.34 9.38
C ASN B 44 7.07 -5.84 9.12
N ASP B 45 5.85 -6.37 9.08
CA ASP B 45 5.64 -7.79 8.83
C ASP B 45 4.49 -8.01 7.85
N CYS B 46 4.35 -7.12 6.88
CA CYS B 46 3.26 -7.22 5.91
C CYS B 46 3.45 -8.43 5.01
N THR B 47 2.32 -9.05 4.64
CA THR B 47 2.34 -10.15 3.68
C THR B 47 2.55 -9.61 2.27
N ILE B 48 3.57 -10.11 1.59
CA ILE B 48 3.88 -9.71 0.23
C ILE B 48 3.48 -10.85 -0.69
N ASP B 49 2.36 -10.70 -1.39
CA ASP B 49 1.94 -11.64 -2.43
C ASP B 49 1.60 -10.84 -3.68
N LYS B 50 1.36 -11.55 -4.78
CA LYS B 50 1.14 -10.88 -6.06
C LYS B 50 -0.13 -10.05 -6.09
N PHE B 51 -1.02 -10.20 -5.10
CA PHE B 51 -2.21 -9.37 -5.02
C PHE B 51 -1.98 -8.08 -4.23
N ARG B 52 -1.09 -8.10 -3.24
CA ARG B 52 -0.89 -6.97 -2.34
C ARG B 52 0.54 -6.47 -2.32
N ARG B 53 1.37 -6.85 -3.29
CA ARG B 53 2.80 -6.54 -3.21
C ARG B 53 3.06 -5.04 -3.27
N LYS B 54 2.18 -4.27 -3.90
CA LYS B 54 2.38 -2.83 -3.99
C LYS B 54 1.95 -2.09 -2.74
N ASN B 55 1.37 -2.79 -1.76
CA ASN B 55 0.84 -2.10 -0.58
C ASN B 55 1.96 -1.49 0.26
N CYS B 56 2.94 -2.30 0.66
CA CYS B 56 4.01 -1.84 1.55
C CYS B 56 5.36 -1.93 0.85
N PRO B 57 5.87 -0.83 0.28
CA PRO B 57 7.21 -0.88 -0.32
C PRO B 57 8.31 -1.17 0.69
N SER B 58 8.11 -0.80 1.96
CA SER B 58 9.13 -1.09 2.98
C SER B 58 9.27 -2.59 3.21
N CYS B 59 8.16 -3.27 3.48
CA CYS B 59 8.21 -4.72 3.67
C CYS B 59 8.62 -5.44 2.40
N ARG B 60 8.25 -4.91 1.23
CA ARG B 60 8.68 -5.52 -0.02
C ARG B 60 10.19 -5.39 -0.21
N LEU B 61 10.73 -4.19 0.04
CA LEU B 61 12.17 -4.01 -0.09
C LEU B 61 12.92 -4.78 0.98
N ARG B 62 12.37 -4.88 2.19
CA ARG B 62 12.95 -5.75 3.21
C ARG B 62 13.07 -7.17 2.68
N LYS B 63 11.96 -7.74 2.20
CA LYS B 63 11.96 -9.12 1.72
C LYS B 63 12.93 -9.31 0.56
N CYS B 64 13.19 -8.26 -0.21
CA CYS B 64 14.19 -8.35 -1.27
C CYS B 64 15.57 -8.55 -0.69
N TYR B 65 15.91 -7.81 0.38
CA TYR B 65 17.24 -7.94 0.98
C TYR B 65 17.37 -9.27 1.73
N GLU B 66 16.31 -9.73 2.39
CA GLU B 66 16.33 -11.04 3.01
C GLU B 66 16.43 -12.17 1.99
N ALA B 67 16.24 -11.89 0.71
CA ALA B 67 16.34 -12.88 -0.35
C ALA B 67 17.65 -12.81 -1.11
N GLY B 68 18.59 -11.96 -0.66
CA GLY B 68 19.90 -11.90 -1.26
C GLY B 68 20.06 -10.94 -2.42
N MET B 69 19.06 -10.11 -2.70
CA MET B 69 19.13 -9.22 -3.85
C MET B 69 20.14 -8.09 -3.62
N THR B 70 20.83 -7.70 -4.69
CA THR B 70 21.88 -6.70 -4.60
C THR B 70 22.06 -6.02 -5.95
N LEU B 71 22.61 -4.81 -5.91
CA LEU B 71 23.12 -4.14 -7.11
C LEU B 71 24.57 -4.52 -7.34
N GLY B 72 24.86 -5.04 -8.53
CA GLY B 72 26.22 -5.36 -8.90
C GLY B 72 26.72 -6.65 -8.29
N ALA B 73 28.04 -6.79 -8.28
CA ALA B 73 28.73 -7.96 -7.72
C ALA B 73 28.30 -9.26 -8.38
#